data_4E8M
#
_entry.id   4E8M
#
_cell.length_a   89.170
_cell.length_b   95.160
_cell.length_c   224.200
_cell.angle_alpha   90.00
_cell.angle_beta   90.00
_cell.angle_gamma   90.00
#
_symmetry.space_group_name_H-M   'P 21 21 21'
#
loop_
_entity.id
_entity.type
_entity.pdbx_description
1 polymer 'Group IIC intron'
2 non-polymer 'MAGNESIUM ION'
3 non-polymer 'POTASSIUM ION'
4 non-polymer SPERMINE
5 non-polymer '4-(2-HYDROXYETHYL)-1-PIPERAZINE ETHANESULFONIC ACID'
6 water water
#
_entity_poly.entity_id   1
_entity_poly.type   'polyribonucleotide'
_entity_poly.pdbx_seq_one_letter_code
;GGGGUGUGCCCGGCAUGGGUGCAGUCUAUAGGGUGAGAGUCCCGAACUGUGAAGGCAGAAGUAACAGUUAGCCUAACGCA
AGGGUGUCCGUGGCGACAUGGAAUCUGAAGGAAGCGGACGGCAAACCUUCGGUCUGAGGAACACGAACUUCAUAUGAGGC
UAGGUAUCAAUGGAUGAGUUUGCAUAACAAAACAAAGUCCUUUCUGCCAAAGUUGGUACAGAGUAAAUGAAGCAGAUUGA
UGAAGGGAAAGACUGCAUUCUUACCCGGGGAGGUCUGGAAACAGAAGUCAGCAGAAGUCAUAGUACCCUGUUCGCAGGGG
AAGGACGGAACAAGUAUGGCGUUCGCGCCUAAGCUUGAACCGCCGUAUACCGAACGGUACGUACGGUGGUGUGG
;
_entity_poly.pdbx_strand_id   A
#
loop_
_chem_comp.id
_chem_comp.type
_chem_comp.name
_chem_comp.formula
A RNA linking ADENOSINE-5'-MONOPHOSPHATE 'C10 H14 N5 O7 P'
C RNA linking CYTIDINE-5'-MONOPHOSPHATE 'C9 H14 N3 O8 P'
EPE non-polymer '4-(2-HYDROXYETHYL)-1-PIPERAZINE ETHANESULFONIC ACID' 'C8 H18 N2 O4 S'
G RNA linking GUANOSINE-5'-MONOPHOSPHATE 'C10 H14 N5 O8 P'
K non-polymer 'POTASSIUM ION' 'K 1'
MG non-polymer 'MAGNESIUM ION' 'Mg 2'
SPM non-polymer SPERMINE 'C10 H26 N4'
U RNA linking URIDINE-5'-MONOPHOSPHATE 'C9 H13 N2 O9 P'
#
# COMPACT_ATOMS: atom_id res chain seq x y z
MG MG B . -29.60 -20.09 8.47
MG MG C . -22.04 -3.59 -8.52
MG MG D . -25.28 -5.14 -9.37
MG MG E . -17.38 -2.83 -20.65
MG MG F . -20.31 -8.41 0.37
MG MG G . -28.56 -22.33 -28.29
MG MG H . 5.35 22.32 26.36
MG MG I . -3.04 0.45 -9.34
MG MG J . -14.21 -8.76 3.57
MG MG K . -15.59 -15.56 -3.37
MG MG L . -3.85 2.51 17.96
MG MG M . -3.38 7.82 -10.91
MG MG N . -30.82 -9.39 5.66
MG MG O . 17.69 8.94 14.53
MG MG P . -5.27 0.39 -33.19
MG MG Q . 11.04 9.11 25.05
MG MG R . 12.16 7.16 13.58
MG MG S . -40.59 3.56 15.84
MG MG T . -12.00 -4.80 -26.35
MG MG U . -21.15 -19.38 -9.84
MG MG V . -5.13 -7.42 -37.84
MG MG W . -32.87 -27.90 5.34
MG MG X . -16.22 -14.91 -22.26
MG MG Y . -30.68 -15.61 -19.52
K K Z . -1.87 -9.81 -29.75
K K AA . 12.17 -12.86 -3.80
K K BA . -11.97 -15.12 -40.15
K K CA . -17.52 -8.64 -49.75
K K DA . 1.04 -15.69 -16.56
K K EA . -19.15 -7.59 -53.41
K K FA . 19.01 5.16 25.90
K K GA . 0.72 -9.36 -23.63
K K HA . -6.65 11.39 -39.59
K K IA . -16.51 -2.54 -13.98
K K JA . -1.12 10.78 -22.79
K K KA . 21.05 -9.76 39.22
K K LA . -24.26 -9.31 -10.41
K K MA . -43.57 -29.32 -15.03
K K NA . -6.16 8.57 -51.05
K K OA . -12.52 8.16 31.71
K K PA . -13.51 -22.81 -28.65
K K QA . -13.53 34.68 33.35
N1 SPM RA . -8.66 28.47 26.34
C2 SPM RA . -8.30 28.18 24.95
C3 SPM RA . -8.00 29.43 24.08
C4 SPM RA . -6.52 29.82 23.94
N5 SPM RA . -5.53 28.76 23.70
C6 SPM RA . -5.22 28.22 22.37
C7 SPM RA . -4.99 26.69 22.29
C8 SPM RA . -4.08 26.31 21.11
C9 SPM RA . -2.65 25.83 21.47
N10 SPM RA . -1.71 25.50 20.41
C11 SPM RA . -0.44 26.20 20.28
C12 SPM RA . -0.06 26.45 18.81
C13 SPM RA . -0.36 27.87 18.30
N14 SPM RA . 0.81 28.77 18.41
N1 SPM SA . 20.00 1.29 26.84
C2 SPM SA . 21.41 0.86 26.80
C3 SPM SA . 22.11 0.87 28.17
C4 SPM SA . 23.44 0.10 28.21
N5 SPM SA . 23.92 -0.06 29.58
C6 SPM SA . 25.34 0.13 29.87
C7 SPM SA . 25.67 1.08 31.02
C8 SPM SA . 27.07 0.79 31.62
C9 SPM SA . 27.36 1.39 33.01
N10 SPM SA . 27.63 0.45 34.10
C11 SPM SA . 28.93 -0.19 34.40
C12 SPM SA . 28.84 -1.60 35.02
C13 SPM SA . 29.26 -1.63 36.50
N14 SPM SA . 28.15 -1.92 37.42
N1 EPE TA . 1.07 -36.27 -32.03
C2 EPE TA . -0.30 -36.60 -32.47
C3 EPE TA . -1.08 -37.36 -31.38
N4 EPE TA . -0.87 -36.76 -30.04
C5 EPE TA . 0.54 -36.89 -29.60
C6 EPE TA . 1.51 -36.97 -30.79
C7 EPE TA . -1.77 -37.37 -29.02
C8 EPE TA . -3.17 -36.77 -29.02
O8 EPE TA . -3.81 -36.91 -27.75
C9 EPE TA . 1.21 -34.80 -31.93
C10 EPE TA . 2.59 -34.32 -32.40
S EPE TA . 3.68 -34.18 -31.14
O1S EPE TA . 5.01 -33.66 -31.41
O2S EPE TA . 3.20 -34.22 -29.76
O3S EPE TA . 3.27 -32.60 -31.10
N1 EPE UA . 5.06 -2.20 31.36
C2 EPE UA . 6.34 -1.55 30.99
C3 EPE UA . 7.47 -1.88 31.97
N4 EPE UA . 7.04 -1.88 33.38
C5 EPE UA . 6.03 -2.93 33.63
C6 EPE UA . 5.22 -3.28 32.37
C7 EPE UA . 6.48 -0.58 33.85
C8 EPE UA . 7.51 0.56 33.81
O8 EPE UA . 6.94 1.83 33.45
C9 EPE UA . 4.53 -2.84 30.13
C10 EPE UA . 3.29 -2.23 29.44
S EPE UA . 1.93 -3.25 29.47
O1S EPE UA . 1.25 -3.67 28.28
O2S EPE UA . 1.67 -3.91 30.74
O3S EPE UA . 2.82 -4.57 29.09
N1 EPE VA . 6.71 2.59 -2.44
C2 EPE VA . 6.60 1.40 -1.55
C3 EPE VA . 6.40 0.11 -2.37
N4 EPE VA . 7.33 -0.06 -3.54
C5 EPE VA . 7.55 1.21 -4.29
C6 EPE VA . 7.85 2.38 -3.36
C7 EPE VA . 6.81 -1.10 -4.48
C8 EPE VA . 7.69 -1.53 -5.66
O8 EPE VA . 6.95 -2.65 -6.13
C9 EPE VA . 6.87 3.89 -1.75
C10 EPE VA . 5.77 4.90 -2.14
S EPE VA . 6.19 6.04 -3.28
O1S EPE VA . 5.18 6.10 -4.31
O2S EPE VA . 6.27 7.33 -2.66
O3S EPE VA . 7.64 5.73 -3.96
N1 EPE WA . -4.46 16.68 -16.84
C2 EPE WA . -5.06 15.86 -17.93
C3 EPE WA . -4.05 15.27 -18.94
N4 EPE WA . -2.67 15.67 -18.58
C5 EPE WA . -2.61 17.14 -18.51
C6 EPE WA . -3.39 17.62 -17.28
C7 EPE WA . -1.71 15.10 -19.55
C8 EPE WA . -0.23 15.35 -19.15
O8 EPE WA . 0.50 14.12 -19.04
C9 EPE WA . -4.08 15.84 -15.68
C10 EPE WA . -2.99 16.44 -14.79
S EPE WA . -1.66 15.43 -14.87
O1S EPE WA . -1.14 15.06 -16.16
O2S EPE WA . -0.83 15.22 -13.70
O3S EPE WA . -0.82 16.83 -15.09
S EPE XA . -4.98 8.96 -33.28
O1S EPE XA . -5.01 9.98 -34.31
O2S EPE XA . -4.37 9.48 -32.08
O3S EPE XA . -4.16 7.64 -33.79
C10 EPE YA . 7.02 14.52 9.42
S EPE YA . 5.83 13.91 10.44
O1S EPE YA . 4.55 13.50 9.92
O2S EPE YA . 6.18 13.47 11.78
O3S EPE YA . 6.33 12.44 9.91
#